data_7MXZ
#
_entry.id   7MXZ
#
_cell.length_a   61.497
_cell.length_b   73.650
_cell.length_c   132.172
_cell.angle_alpha   90.000
_cell.angle_beta   95.675
_cell.angle_gamma   90.000
#
_symmetry.space_group_name_H-M   'C 1 2 1'
#
loop_
_entity.id
_entity.type
_entity.pdbx_description
1 polymer 'Geranylgeranyl pyrophosphate synthase'
2 non-polymer 'MAGNESIUM ION'
3 non-polymer 'CHLORIDE ION'
4 water water
#
_entity_poly.entity_id   1
_entity_poly.type   'polypeptide(L)'
_entity_poly.pdbx_seq_one_letter_code
;MVAQQTRTDFDLAQYLQVKKGVVEAALDSSLAIARPEKIYEAMRYSLLAGGKRLRPILCITACELCGGDEALALPTACAL
EMIHTMSLIHDDLPSMDNDDFRRGKPTNHKVYGEDIAILAGDGLLAYAFEYVVTHTPQADPQALLQVIARLGRTVGAAGL
VGGQVLDLESEGRTDITPETLTFIHTHKTGALLEASVLTGAILAGATGEQQQRLARYAQNIGLAFQVVDDILDITATQEE
LGKTAGKDVKAQKATYPSLLGLEASRAQAQSLIDQAIVALEPFGPSAEPLQAIAEYIVARKYLEHHHHHH
;
_entity_poly.pdbx_strand_id   AAA,BBB
#
loop_
_chem_comp.id
_chem_comp.type
_chem_comp.name
_chem_comp.formula
CL non-polymer 'CHLORIDE ION' 'Cl -1'
MG non-polymer 'MAGNESIUM ION' 'Mg 2'
#
# COMPACT_ATOMS: atom_id res chain seq x y z
N THR A 6 20.24 -19.57 32.67
CA THR A 6 20.68 -19.04 31.35
C THR A 6 21.84 -19.88 30.81
N ARG A 7 22.16 -19.69 29.53
CA ARG A 7 23.37 -20.26 28.86
C ARG A 7 24.30 -19.10 28.53
N THR A 8 25.59 -19.37 28.37
CA THR A 8 26.56 -18.31 28.05
C THR A 8 26.94 -18.31 26.56
N ASP A 9 26.71 -19.41 25.85
CA ASP A 9 27.23 -19.65 24.48
C ASP A 9 26.17 -19.20 23.46
N PHE A 10 26.50 -18.23 22.62
CA PHE A 10 25.64 -17.82 21.48
C PHE A 10 25.35 -19.02 20.57
N ASP A 11 24.07 -19.27 20.34
N ASP A 11 24.07 -19.31 20.37
CA ASP A 11 23.55 -20.39 19.52
CA ASP A 11 23.62 -20.39 19.48
C ASP A 11 22.70 -19.76 18.42
C ASP A 11 22.71 -19.77 18.42
N LEU A 12 23.14 -19.78 17.17
CA LEU A 12 22.41 -19.02 16.14
C LEU A 12 21.01 -19.63 15.95
N ALA A 13 20.90 -20.95 15.91
CA ALA A 13 19.56 -21.58 15.73
C ALA A 13 18.62 -21.11 16.83
N GLN A 14 19.09 -21.04 18.07
CA GLN A 14 18.24 -20.57 19.20
C GLN A 14 17.93 -19.09 19.02
N TYR A 15 18.92 -18.27 18.63
CA TYR A 15 18.68 -16.82 18.43
C TYR A 15 17.51 -16.69 17.44
N LEU A 16 17.57 -17.39 16.31
CA LEU A 16 16.55 -17.22 15.24
C LEU A 16 15.21 -17.73 15.74
N GLN A 17 15.19 -18.84 16.49
CA GLN A 17 13.91 -19.39 17.01
C GLN A 17 13.27 -18.37 17.92
N VAL A 18 14.02 -17.76 18.81
CA VAL A 18 13.49 -16.80 19.80
C VAL A 18 12.94 -15.57 19.05
N LYS A 19 13.72 -15.03 18.09
CA LYS A 19 13.25 -13.83 17.37
C LYS A 19 12.00 -14.21 16.56
N LYS A 20 11.97 -15.37 15.92
CA LYS A 20 10.78 -15.80 15.14
C LYS A 20 9.57 -15.82 16.08
N GLY A 21 9.72 -16.33 17.29
CA GLY A 21 8.60 -16.39 18.25
C GLY A 21 8.12 -15.01 18.62
N VAL A 22 9.02 -14.06 18.85
CA VAL A 22 8.66 -12.67 19.19
C VAL A 22 7.90 -12.07 18.01
N VAL A 23 8.42 -12.26 16.80
CA VAL A 23 7.75 -11.68 15.62
C VAL A 23 6.36 -12.32 15.46
N GLU A 24 6.25 -13.63 15.57
CA GLU A 24 4.95 -14.28 15.30
C GLU A 24 3.93 -13.84 16.35
N ALA A 25 4.33 -13.64 17.59
CA ALA A 25 3.37 -13.18 18.60
C ALA A 25 2.92 -11.76 18.29
N ALA A 26 3.83 -10.89 17.81
CA ALA A 26 3.47 -9.51 17.47
C ALA A 26 2.57 -9.50 16.22
N LEU A 27 2.86 -10.36 15.22
CA LEU A 27 1.99 -10.41 14.00
C LEU A 27 0.57 -10.80 14.41
N ASP A 28 0.47 -11.78 15.29
CA ASP A 28 -0.87 -12.28 15.71
C ASP A 28 -1.61 -11.15 16.45
N SER A 29 -0.95 -10.46 17.39
CA SER A 29 -1.58 -9.35 18.13
C SER A 29 -1.94 -8.17 17.22
N SER A 30 -1.22 -7.99 16.09
CA SER A 30 -1.40 -6.80 15.22
C SER A 30 -2.72 -6.86 14.50
N LEU A 31 -3.32 -8.04 14.36
CA LEU A 31 -4.59 -8.17 13.61
C LEU A 31 -5.69 -8.69 14.53
N ALA A 32 -6.31 -7.76 15.25
CA ALA A 32 -7.51 -8.07 16.05
C ALA A 32 -8.71 -8.13 15.11
N ILE A 33 -9.44 -9.23 15.15
CA ILE A 33 -10.61 -9.42 14.26
C ILE A 33 -11.68 -8.38 14.63
N ALA A 34 -12.18 -7.70 13.61
CA ALA A 34 -13.22 -6.64 13.73
C ALA A 34 -14.03 -6.67 12.45
N ARG A 35 -15.07 -5.87 12.32
CA ARG A 35 -15.96 -5.90 11.13
C ARG A 35 -15.22 -5.23 9.98
N PRO A 36 -15.20 -5.78 8.75
CA PRO A 36 -15.77 -7.08 8.41
C PRO A 36 -14.76 -8.20 8.74
N GLU A 37 -15.21 -9.18 9.50
CA GLU A 37 -14.34 -10.22 10.07
C GLU A 37 -13.59 -10.92 8.93
N LYS A 38 -14.20 -11.12 7.77
CA LYS A 38 -13.60 -11.89 6.67
C LYS A 38 -12.25 -11.28 6.26
N ILE A 39 -12.14 -9.95 6.25
CA ILE A 39 -10.88 -9.38 5.71
C ILE A 39 -9.77 -9.69 6.72
N TYR A 40 -10.05 -9.58 8.02
CA TYR A 40 -9.05 -9.90 9.06
C TYR A 40 -8.68 -11.36 8.98
N GLU A 41 -9.71 -12.22 8.84
CA GLU A 41 -9.46 -13.66 8.72
C GLU A 41 -8.52 -13.95 7.54
N ALA A 42 -8.80 -13.36 6.41
CA ALA A 42 -8.02 -13.62 5.18
C ALA A 42 -6.58 -13.06 5.32
N MET A 43 -6.43 -11.92 5.94
CA MET A 43 -5.07 -11.35 6.14
C MET A 43 -4.31 -12.27 7.09
N ARG A 44 -4.94 -12.71 8.19
CA ARG A 44 -4.26 -13.56 9.19
C ARG A 44 -3.92 -14.91 8.58
N TYR A 45 -4.82 -15.45 7.73
CA TYR A 45 -4.58 -16.77 7.10
C TYR A 45 -3.19 -16.79 6.45
N SER A 46 -2.85 -15.73 5.73
CA SER A 46 -1.54 -15.62 5.02
C SER A 46 -0.44 -15.12 5.97
N LEU A 47 -0.72 -14.15 6.82
CA LEU A 47 0.34 -13.52 7.62
C LEU A 47 0.88 -14.49 8.67
N LEU A 48 0.00 -15.30 9.26
CA LEU A 48 0.36 -16.14 10.42
C LEU A 48 0.70 -17.57 9.97
N ALA A 49 0.96 -17.79 8.69
CA ALA A 49 1.15 -19.16 8.14
C ALA A 49 2.55 -19.69 8.48
N GLY A 50 3.44 -18.90 9.08
CA GLY A 50 4.76 -19.33 9.55
C GLY A 50 5.82 -18.97 8.52
N GLY A 51 6.89 -19.72 8.49
CA GLY A 51 8.00 -19.39 7.60
C GLY A 51 9.16 -18.87 8.40
N LYS A 52 10.22 -18.52 7.70
CA LYS A 52 11.51 -18.27 8.35
C LYS A 52 11.52 -16.90 9.05
N ARG A 53 10.64 -15.97 8.62
CA ARG A 53 10.56 -14.62 9.17
C ARG A 53 11.92 -13.93 9.01
N LEU A 54 12.61 -14.22 7.90
CA LEU A 54 13.93 -13.62 7.67
C LEU A 54 13.89 -12.11 7.72
N ARG A 55 12.98 -11.48 7.00
CA ARG A 55 12.98 -10.02 6.87
C ARG A 55 12.83 -9.33 8.22
N PRO A 56 11.80 -9.68 9.04
CA PRO A 56 11.72 -9.07 10.36
C PRO A 56 12.95 -9.36 11.22
N ILE A 57 13.49 -10.58 11.16
CA ILE A 57 14.71 -10.90 11.94
C ILE A 57 15.86 -9.99 11.47
N LEU A 58 16.06 -9.83 10.18
CA LEU A 58 17.13 -8.94 9.71
C LEU A 58 16.95 -7.53 10.27
N CYS A 59 15.72 -7.01 10.23
CA CYS A 59 15.40 -5.67 10.72
C CYS A 59 15.80 -5.51 12.19
N ILE A 60 15.32 -6.43 13.03
CA ILE A 60 15.64 -6.36 14.48
C ILE A 60 17.16 -6.48 14.68
N THR A 61 17.78 -7.42 13.96
CA THR A 61 19.22 -7.67 14.16
C THR A 61 20.00 -6.43 13.72
N ALA A 62 19.68 -5.79 12.60
CA ALA A 62 20.43 -4.60 12.16
C ALA A 62 20.18 -3.41 13.08
N CYS A 63 18.98 -3.26 13.61
CA CYS A 63 18.64 -2.20 14.59
C CYS A 63 19.53 -2.40 15.82
N GLU A 64 19.61 -3.62 16.33
CA GLU A 64 20.43 -3.86 17.54
C GLU A 64 21.90 -3.64 17.22
N LEU A 65 22.34 -4.02 16.03
CA LEU A 65 23.75 -3.82 15.62
C LEU A 65 24.11 -2.34 15.73
N CYS A 66 23.18 -1.45 15.35
CA CYS A 66 23.38 0.00 15.32
C CYS A 66 23.00 0.65 16.67
N GLY A 67 22.74 -0.15 17.70
CA GLY A 67 22.56 0.28 19.11
C GLY A 67 21.12 0.41 19.48
N GLY A 68 20.20 0.14 18.56
CA GLY A 68 18.77 0.21 18.90
C GLY A 68 18.33 -0.98 19.69
N ASP A 69 17.09 -0.97 20.15
CA ASP A 69 16.51 -2.10 20.90
C ASP A 69 15.42 -2.78 20.08
N GLU A 70 14.97 -3.93 20.59
CA GLU A 70 13.97 -4.76 19.90
C GLU A 70 12.68 -3.95 19.80
N ALA A 71 12.25 -3.26 20.85
CA ALA A 71 10.96 -2.53 20.80
C ALA A 71 11.00 -1.47 19.70
N LEU A 72 12.13 -0.83 19.44
CA LEU A 72 12.24 0.20 18.39
C LEU A 72 11.98 -0.45 17.03
N ALA A 73 12.54 -1.60 16.77
CA ALA A 73 12.48 -2.25 15.46
C ALA A 73 11.22 -3.08 15.25
N LEU A 74 10.59 -3.63 16.27
CA LEU A 74 9.60 -4.69 16.08
C LEU A 74 8.43 -4.24 15.20
N PRO A 75 7.89 -3.01 15.30
CA PRO A 75 6.75 -2.65 14.44
C PRO A 75 7.15 -2.62 12.96
N THR A 76 8.28 -1.99 12.66
CA THR A 76 8.84 -1.99 11.28
C THR A 76 9.08 -3.42 10.84
N ALA A 77 9.63 -4.24 11.73
CA ALA A 77 9.89 -5.64 11.38
C ALA A 77 8.60 -6.34 10.96
N CYS A 78 7.54 -6.12 11.72
CA CYS A 78 6.20 -6.66 11.37
C CYS A 78 5.70 -6.11 10.05
N ALA A 79 5.89 -4.82 9.79
CA ALA A 79 5.46 -4.16 8.54
C ALA A 79 6.19 -4.84 7.37
N LEU A 80 7.50 -5.11 7.52
CA LEU A 80 8.22 -5.79 6.43
C LEU A 80 7.61 -7.15 6.13
N GLU A 81 7.18 -7.88 7.17
CA GLU A 81 6.56 -9.21 6.96
C GLU A 81 5.15 -9.05 6.38
N MET A 82 4.44 -7.98 6.70
CA MET A 82 3.12 -7.72 6.05
C MET A 82 3.32 -7.49 4.56
N ILE A 83 4.34 -6.70 4.21
CA ILE A 83 4.67 -6.43 2.78
C ILE A 83 5.06 -7.73 2.10
N HIS A 84 5.93 -8.51 2.71
CA HIS A 84 6.33 -9.78 2.12
C HIS A 84 5.09 -10.66 1.89
N THR A 85 4.20 -10.72 2.87
CA THR A 85 3.00 -11.55 2.77
C THR A 85 2.09 -11.07 1.64
N MET A 86 1.89 -9.76 1.51
N MET A 86 1.88 -9.77 1.54
CA MET A 86 1.09 -9.17 0.42
CA MET A 86 1.09 -9.18 0.43
C MET A 86 1.66 -9.67 -0.91
C MET A 86 1.67 -9.68 -0.89
N SER A 87 2.98 -9.64 -1.04
CA SER A 87 3.61 -9.96 -2.32
C SER A 87 3.36 -11.44 -2.64
N LEU A 88 3.35 -12.32 -1.65
CA LEU A 88 3.07 -13.79 -1.85
C LEU A 88 1.61 -13.97 -2.25
N ILE A 89 0.69 -13.28 -1.55
CA ILE A 89 -0.74 -13.42 -1.91
C ILE A 89 -0.96 -13.00 -3.35
N HIS A 90 -0.41 -11.86 -3.76
CA HIS A 90 -0.66 -11.32 -5.12
C HIS A 90 0.06 -12.26 -6.09
N ASP A 91 1.29 -12.70 -5.82
CA ASP A 91 2.06 -13.61 -6.70
C ASP A 91 1.31 -14.92 -6.95
N ASP A 92 0.63 -15.49 -5.95
CA ASP A 92 -0.01 -16.81 -6.07
C ASP A 92 -1.25 -16.75 -6.99
N LEU A 93 -1.79 -15.59 -7.28
CA LEU A 93 -3.11 -15.43 -7.94
C LEU A 93 -3.08 -16.06 -9.34
N PRO A 94 -4.27 -16.46 -9.84
CA PRO A 94 -4.32 -17.11 -11.14
C PRO A 94 -3.74 -16.28 -12.30
N SER A 95 -3.81 -14.94 -12.21
CA SER A 95 -3.23 -14.06 -13.27
C SER A 95 -1.72 -14.02 -13.21
N MET A 96 -1.09 -14.54 -12.15
CA MET A 96 0.37 -14.44 -11.95
C MET A 96 0.93 -15.85 -11.86
N ASP A 97 1.42 -16.33 -10.74
CA ASP A 97 2.03 -17.68 -10.67
C ASP A 97 0.95 -18.77 -10.65
N ASN A 98 -0.29 -18.48 -10.27
CA ASN A 98 -1.43 -19.42 -10.32
C ASN A 98 -1.11 -20.66 -9.47
N ASP A 99 -0.78 -20.45 -8.20
CA ASP A 99 -0.40 -21.52 -7.25
C ASP A 99 -1.62 -21.86 -6.41
N ASP A 100 -1.92 -23.15 -6.28
CA ASP A 100 -3.06 -23.67 -5.51
C ASP A 100 -2.63 -23.92 -4.06
N PHE A 101 -1.33 -24.07 -3.78
CA PHE A 101 -0.83 -24.45 -2.45
C PHE A 101 0.39 -23.62 -2.09
N ARG A 102 0.51 -23.34 -0.82
CA ARG A 102 1.71 -22.70 -0.21
C ARG A 102 1.90 -23.28 1.20
N ARG A 103 3.12 -23.73 1.54
CA ARG A 103 3.45 -24.21 2.93
C ARG A 103 2.44 -25.30 3.31
N GLY A 104 2.17 -26.23 2.39
CA GLY A 104 1.28 -27.39 2.59
C GLY A 104 -0.21 -27.04 2.60
N LYS A 105 -0.63 -25.77 2.52
CA LYS A 105 -2.08 -25.45 2.67
C LYS A 105 -2.57 -24.69 1.44
N PRO A 106 -3.89 -24.68 1.16
CA PRO A 106 -4.40 -23.89 0.05
C PRO A 106 -3.95 -22.42 0.14
N THR A 107 -3.67 -21.86 -1.02
CA THR A 107 -3.35 -20.42 -1.14
C THR A 107 -4.58 -19.59 -0.77
N ASN A 108 -4.35 -18.32 -0.48
CA ASN A 108 -5.41 -17.45 0.04
C ASN A 108 -6.60 -17.42 -0.92
N HIS A 109 -6.40 -17.25 -2.23
CA HIS A 109 -7.52 -17.11 -3.17
C HIS A 109 -8.30 -18.42 -3.28
N LYS A 110 -7.65 -19.55 -3.03
CA LYS A 110 -8.35 -20.85 -3.13
C LYS A 110 -9.23 -21.01 -1.91
N VAL A 111 -8.96 -20.35 -0.80
CA VAL A 111 -9.77 -20.44 0.44
C VAL A 111 -10.86 -19.40 0.35
N TYR A 112 -10.52 -18.13 0.10
CA TYR A 112 -11.43 -17.00 0.28
C TYR A 112 -11.98 -16.43 -1.01
N GLY A 113 -11.46 -16.81 -2.18
CA GLY A 113 -11.80 -16.20 -3.47
C GLY A 113 -10.78 -15.19 -3.88
N GLU A 114 -10.61 -14.99 -5.18
N GLU A 114 -10.62 -14.99 -5.19
CA GLU A 114 -9.59 -14.07 -5.72
CA GLU A 114 -9.58 -14.08 -5.73
C GLU A 114 -9.88 -12.63 -5.25
C GLU A 114 -9.88 -12.65 -5.25
N ASP A 115 -11.14 -12.24 -5.18
CA ASP A 115 -11.50 -10.87 -4.78
C ASP A 115 -10.96 -10.62 -3.36
N ILE A 116 -11.28 -11.50 -2.42
CA ILE A 116 -10.87 -11.34 -1.02
C ILE A 116 -9.33 -11.41 -0.96
N ALA A 117 -8.68 -12.28 -1.73
CA ALA A 117 -7.21 -12.37 -1.66
C ALA A 117 -6.59 -11.04 -2.14
N ILE A 118 -7.08 -10.46 -3.24
CA ILE A 118 -6.53 -9.18 -3.76
C ILE A 118 -6.71 -8.14 -2.66
N LEU A 119 -7.89 -8.09 -2.03
CA LEU A 119 -8.16 -7.07 -0.99
C LEU A 119 -7.34 -7.36 0.29
N ALA A 120 -7.10 -8.61 0.64
CA ALA A 120 -6.28 -8.94 1.82
C ALA A 120 -4.87 -8.41 1.57
N GLY A 121 -4.37 -8.55 0.36
CA GLY A 121 -3.02 -8.05 0.07
C GLY A 121 -2.98 -6.53 0.21
N ASP A 122 -3.97 -5.84 -0.33
CA ASP A 122 -4.10 -4.37 -0.23
C ASP A 122 -4.19 -3.95 1.25
N GLY A 123 -4.96 -4.69 2.03
CA GLY A 123 -5.14 -4.43 3.48
C GLY A 123 -3.82 -4.54 4.20
N LEU A 124 -3.02 -5.55 3.88
CA LEU A 124 -1.73 -5.76 4.57
C LEU A 124 -0.75 -4.65 4.20
N LEU A 125 -0.73 -4.23 2.92
CA LEU A 125 0.18 -3.14 2.51
C LEU A 125 -0.20 -1.85 3.23
N ALA A 126 -1.48 -1.51 3.26
CA ALA A 126 -1.91 -0.31 3.98
C ALA A 126 -1.55 -0.40 5.45
N TYR A 127 -1.74 -1.57 6.04
CA TYR A 127 -1.56 -1.70 7.50
C TYR A 127 -0.06 -1.61 7.81
N ALA A 128 0.81 -2.06 6.92
CA ALA A 128 2.26 -1.95 7.14
C ALA A 128 2.60 -0.49 7.47
N PHE A 129 2.08 0.48 6.71
CA PHE A 129 2.44 1.90 6.89
C PHE A 129 1.80 2.43 8.15
N GLU A 130 0.54 2.09 8.40
CA GLU A 130 -0.16 2.55 9.61
C GLU A 130 0.59 2.02 10.84
N TYR A 131 0.94 0.75 10.83
CA TYR A 131 1.50 0.09 12.02
C TYR A 131 2.86 0.69 12.40
N VAL A 132 3.69 0.97 11.43
CA VAL A 132 5.02 1.57 11.69
C VAL A 132 4.79 2.85 12.47
N VAL A 133 3.86 3.70 12.06
CA VAL A 133 3.70 5.00 12.73
C VAL A 133 3.04 4.79 14.10
N THR A 134 1.93 4.11 14.15
CA THR A 134 1.13 4.06 15.39
C THR A 134 1.82 3.26 16.48
N HIS A 135 2.66 2.29 16.12
CA HIS A 135 3.30 1.38 17.12
C HIS A 135 4.76 1.77 17.35
N THR A 136 5.21 2.86 16.78
CA THR A 136 6.60 3.32 17.06
C THR A 136 6.60 4.72 17.57
N PRO A 137 5.79 5.08 18.60
CA PRO A 137 5.75 6.47 19.05
C PRO A 137 7.05 6.96 19.70
N GLN A 138 7.91 6.05 20.09
CA GLN A 138 9.17 6.43 20.79
C GLN A 138 10.25 6.76 19.75
N ALA A 139 10.07 6.49 18.46
CA ALA A 139 11.12 6.73 17.45
C ALA A 139 11.32 8.22 17.25
N ASP A 140 12.52 8.59 16.84
CA ASP A 140 12.75 9.95 16.32
C ASP A 140 11.81 10.17 15.13
N PRO A 141 11.02 11.27 15.07
CA PRO A 141 10.06 11.43 13.98
C PRO A 141 10.75 11.53 12.60
N GLN A 142 11.89 12.19 12.46
CA GLN A 142 12.59 12.27 11.16
C GLN A 142 13.05 10.87 10.74
N ALA A 143 13.55 10.05 11.65
CA ALA A 143 13.95 8.67 11.32
C ALA A 143 12.71 7.86 10.87
N LEU A 144 11.59 8.04 11.54
CA LEU A 144 10.40 7.25 11.20
C LEU A 144 9.91 7.70 9.81
N LEU A 145 9.96 8.98 9.48
CA LEU A 145 9.59 9.42 8.13
C LEU A 145 10.55 8.80 7.09
N GLN A 146 11.84 8.71 7.40
CA GLN A 146 12.79 8.09 6.46
C GLN A 146 12.46 6.60 6.29
N VAL A 147 12.01 5.90 7.33
CA VAL A 147 11.53 4.49 7.21
C VAL A 147 10.33 4.44 6.28
N ILE A 148 9.38 5.35 6.42
CA ILE A 148 8.18 5.31 5.55
C ILE A 148 8.61 5.53 4.11
N ALA A 149 9.44 6.52 3.84
CA ALA A 149 9.92 6.80 2.46
C ALA A 149 10.60 5.56 1.92
N ARG A 150 11.45 4.91 2.72
CA ARG A 150 12.20 3.72 2.22
C ARG A 150 11.23 2.60 1.94
N LEU A 151 10.22 2.39 2.79
CA LEU A 151 9.25 1.31 2.54
C LEU A 151 8.45 1.62 1.28
N GLY A 152 8.03 2.85 1.07
CA GLY A 152 7.27 3.18 -0.15
C GLY A 152 8.13 2.93 -1.39
N ARG A 153 9.38 3.35 -1.35
CA ARG A 153 10.28 3.15 -2.52
C ARG A 153 10.50 1.66 -2.74
N THR A 154 10.68 0.91 -1.65
CA THR A 154 11.00 -0.52 -1.70
C THR A 154 9.85 -1.31 -2.32
N VAL A 155 8.61 -0.98 -2.00
CA VAL A 155 7.45 -1.77 -2.44
C VAL A 155 7.12 -1.49 -3.88
N GLY A 156 7.34 -0.25 -4.32
CA GLY A 156 6.74 0.21 -5.57
C GLY A 156 7.52 -0.20 -6.81
N ALA A 157 7.26 0.58 -7.85
CA ALA A 157 7.72 0.24 -9.20
C ALA A 157 9.24 0.20 -9.27
N ALA A 158 9.96 0.91 -8.41
CA ALA A 158 11.43 0.88 -8.45
C ALA A 158 11.97 -0.33 -7.66
N GLY A 159 11.13 -1.07 -6.95
CA GLY A 159 11.52 -2.16 -6.08
C GLY A 159 10.68 -3.38 -6.33
N LEU A 160 10.00 -3.89 -5.30
CA LEU A 160 9.30 -5.15 -5.32
C LEU A 160 8.30 -5.27 -6.49
N VAL A 161 7.38 -4.33 -6.65
CA VAL A 161 6.35 -4.44 -7.70
C VAL A 161 7.04 -4.40 -9.07
N GLY A 162 8.07 -3.59 -9.22
CA GLY A 162 8.85 -3.55 -10.48
C GLY A 162 9.43 -4.92 -10.75
N GLY A 163 9.99 -5.52 -9.71
CA GLY A 163 10.57 -6.86 -9.80
C GLY A 163 9.51 -7.88 -10.20
N GLN A 164 8.31 -7.86 -9.63
CA GLN A 164 7.23 -8.78 -9.97
C GLN A 164 6.91 -8.61 -11.47
N VAL A 165 6.89 -7.39 -11.99
CA VAL A 165 6.59 -7.15 -13.42
C VAL A 165 7.75 -7.69 -14.26
N LEU A 166 9.00 -7.42 -13.89
CA LEU A 166 10.18 -7.94 -14.62
C LEU A 166 10.14 -9.46 -14.64
N ASP A 167 9.77 -10.11 -13.55
CA ASP A 167 9.71 -11.58 -13.48
C ASP A 167 8.58 -12.08 -14.37
N LEU A 168 7.37 -11.51 -14.32
CA LEU A 168 6.24 -11.96 -15.17
C LEU A 168 6.61 -11.75 -16.63
N GLU A 169 7.27 -10.65 -16.97
CA GLU A 169 7.68 -10.32 -18.38
C GLU A 169 8.67 -11.38 -18.88
N SER A 170 9.50 -11.93 -17.98
CA SER A 170 10.58 -12.86 -18.37
C SER A 170 9.99 -14.24 -18.67
N GLU A 171 8.80 -14.56 -18.16
N GLU A 171 8.80 -14.56 -18.16
CA GLU A 171 8.24 -15.93 -18.18
CA GLU A 171 8.23 -15.92 -18.21
C GLU A 171 8.05 -16.37 -19.65
C GLU A 171 8.06 -16.37 -19.66
N GLY A 172 8.61 -17.54 -19.96
CA GLY A 172 8.52 -18.15 -21.29
C GLY A 172 9.40 -17.49 -22.33
N ARG A 173 10.19 -16.48 -22.04
CA ARG A 173 11.09 -15.87 -23.00
C ARG A 173 12.25 -16.82 -23.29
N THR A 174 12.89 -16.61 -24.43
CA THR A 174 13.98 -17.49 -24.91
C THR A 174 15.31 -16.74 -24.85
N ASP A 175 15.34 -15.50 -24.39
CA ASP A 175 16.53 -14.63 -24.52
C ASP A 175 17.06 -14.24 -23.12
N ILE A 176 16.73 -15.02 -22.10
CA ILE A 176 17.18 -14.67 -20.71
C ILE A 176 18.70 -14.85 -20.58
N THR A 177 19.37 -13.83 -20.02
CA THR A 177 20.81 -13.87 -19.72
C THR A 177 21.02 -13.73 -18.21
N PRO A 178 22.23 -14.01 -17.70
CA PRO A 178 22.48 -13.79 -16.28
C PRO A 178 22.17 -12.35 -15.88
N GLU A 179 22.49 -11.40 -16.74
N GLU A 179 22.49 -11.40 -16.74
CA GLU A 179 22.23 -9.96 -16.47
CA GLU A 179 22.22 -9.96 -16.47
C GLU A 179 20.72 -9.75 -16.29
C GLU A 179 20.72 -9.75 -16.28
N THR A 180 19.90 -10.37 -17.13
CA THR A 180 18.44 -10.24 -17.05
C THR A 180 17.94 -10.85 -15.71
N LEU A 181 18.46 -12.02 -15.34
CA LEU A 181 18.04 -12.67 -14.07
C LEU A 181 18.43 -11.75 -12.93
N THR A 182 19.64 -11.25 -12.91
CA THR A 182 20.11 -10.47 -11.76
C THR A 182 19.25 -9.21 -11.63
N PHE A 183 18.89 -8.59 -12.76
CA PHE A 183 18.05 -7.37 -12.72
C PHE A 183 16.69 -7.73 -12.09
N ILE A 184 16.10 -8.84 -12.43
CA ILE A 184 14.84 -9.29 -11.81
C ILE A 184 15.08 -9.43 -10.32
N HIS A 185 16.09 -10.20 -9.92
CA HIS A 185 16.29 -10.55 -8.50
C HIS A 185 16.58 -9.32 -7.68
N THR A 186 17.39 -8.38 -8.14
CA THR A 186 17.72 -7.21 -7.31
C THR A 186 16.42 -6.45 -7.00
N HIS A 187 15.49 -6.41 -7.94
CA HIS A 187 14.22 -5.66 -7.73
C HIS A 187 13.25 -6.52 -6.93
N LYS A 188 13.04 -7.76 -7.31
CA LYS A 188 11.95 -8.56 -6.72
C LYS A 188 12.32 -8.94 -5.29
N THR A 189 13.57 -9.32 -5.03
CA THR A 189 14.03 -9.85 -3.73
C THR A 189 14.98 -8.84 -3.03
N GLY A 190 15.96 -8.28 -3.74
CA GLY A 190 17.02 -7.52 -3.09
C GLY A 190 16.47 -6.26 -2.47
N ALA A 191 15.53 -5.57 -3.12
CA ALA A 191 15.07 -4.27 -2.59
C ALA A 191 14.53 -4.46 -1.18
N LEU A 192 13.67 -5.46 -1.00
CA LEU A 192 13.03 -5.66 0.34
C LEU A 192 14.03 -6.22 1.36
N LEU A 193 15.00 -7.02 0.94
CA LEU A 193 16.03 -7.46 1.93
C LEU A 193 16.87 -6.26 2.35
N GLU A 194 17.25 -5.38 1.41
CA GLU A 194 18.00 -4.16 1.74
C GLU A 194 17.17 -3.30 2.67
N ALA A 195 15.86 -3.13 2.39
CA ALA A 195 14.99 -2.33 3.27
C ALA A 195 14.94 -2.95 4.65
N SER A 196 15.01 -4.27 4.77
CA SER A 196 14.86 -4.92 6.09
C SER A 196 16.04 -4.48 6.99
N VAL A 197 17.26 -4.49 6.48
CA VAL A 197 18.42 -4.10 7.29
C VAL A 197 18.50 -2.60 7.42
N LEU A 198 18.16 -1.84 6.37
N LEU A 198 18.16 -1.86 6.36
CA LEU A 198 18.36 -0.37 6.38
CA LEU A 198 18.36 -0.39 6.37
C LEU A 198 17.29 0.29 7.24
C LEU A 198 17.30 0.28 7.23
N THR A 199 16.05 -0.21 7.23
CA THR A 199 15.04 0.41 8.12
C THR A 199 15.46 0.22 9.59
N GLY A 200 15.94 -0.95 9.98
CA GLY A 200 16.42 -1.16 11.36
C GLY A 200 17.55 -0.19 11.67
N ALA A 201 18.48 -0.04 10.74
CA ALA A 201 19.64 0.86 10.90
C ALA A 201 19.22 2.33 11.01
N ILE A 202 18.27 2.73 10.20
CA ILE A 202 17.78 4.13 10.16
C ILE A 202 17.14 4.39 11.52
N LEU A 203 16.29 3.49 11.99
CA LEU A 203 15.61 3.73 13.30
C LEU A 203 16.65 3.99 14.40
N ALA A 204 17.76 3.26 14.37
CA ALA A 204 18.79 3.35 15.40
C ALA A 204 19.73 4.53 15.14
N GLY A 205 19.58 5.26 14.08
CA GLY A 205 20.42 6.44 13.78
C GLY A 205 21.75 6.09 13.16
N ALA A 206 21.84 5.01 12.40
CA ALA A 206 23.09 4.59 11.74
C ALA A 206 23.55 5.68 10.78
N THR A 207 24.85 5.83 10.61
CA THR A 207 25.38 6.79 9.64
C THR A 207 25.16 6.30 8.21
N GLY A 208 25.31 7.20 7.27
CA GLY A 208 25.26 6.88 5.84
C GLY A 208 26.29 5.80 5.51
N GLU A 209 27.49 5.91 6.05
CA GLU A 209 28.57 4.96 5.77
C GLU A 209 28.18 3.56 6.28
N GLN A 210 27.59 3.49 7.46
CA GLN A 210 27.15 2.22 8.07
C GLN A 210 26.02 1.63 7.21
N GLN A 211 25.09 2.46 6.77
CA GLN A 211 23.98 2.00 5.93
C GLN A 211 24.53 1.43 4.64
N GLN A 212 25.55 2.01 4.04
CA GLN A 212 26.08 1.52 2.74
C GLN A 212 26.64 0.10 2.93
N ARG A 213 27.27 -0.17 4.07
CA ARG A 213 27.84 -1.52 4.35
C ARG A 213 26.70 -2.51 4.50
N LEU A 214 25.66 -2.12 5.21
CA LEU A 214 24.48 -3.00 5.39
C LEU A 214 23.82 -3.26 4.04
N ALA A 215 23.73 -2.25 3.18
CA ALA A 215 23.09 -2.44 1.87
C ALA A 215 23.89 -3.42 1.03
N ARG A 216 25.21 -3.34 1.08
CA ARG A 216 26.05 -4.30 0.30
C ARG A 216 25.81 -5.71 0.86
N TYR A 217 25.80 -5.87 2.19
CA TYR A 217 25.53 -7.18 2.80
C TYR A 217 24.20 -7.72 2.27
N ALA A 218 23.15 -6.90 2.29
CA ALA A 218 21.80 -7.37 1.95
C ALA A 218 21.71 -7.75 0.46
N GLN A 219 22.30 -6.95 -0.39
CA GLN A 219 22.26 -7.23 -1.86
C GLN A 219 23.01 -8.56 -2.10
N ASN A 220 24.18 -8.72 -1.46
N ASN A 220 24.18 -8.71 -1.46
CA ASN A 220 24.99 -9.94 -1.64
CA ASN A 220 25.03 -9.91 -1.61
C ASN A 220 24.23 -11.16 -1.15
C ASN A 220 24.25 -11.15 -1.14
N ILE A 221 23.67 -11.14 0.06
CA ILE A 221 22.98 -12.36 0.55
C ILE A 221 21.79 -12.66 -0.31
N GLY A 222 21.07 -11.64 -0.72
CA GLY A 222 19.86 -11.88 -1.51
C GLY A 222 20.21 -12.64 -2.77
N LEU A 223 21.21 -12.16 -3.48
CA LEU A 223 21.58 -12.81 -4.74
C LEU A 223 22.15 -14.19 -4.42
N ALA A 224 23.01 -14.34 -3.39
CA ALA A 224 23.60 -15.65 -3.08
C ALA A 224 22.49 -16.66 -2.81
N PHE A 225 21.46 -16.30 -2.05
CA PHE A 225 20.38 -17.25 -1.70
C PHE A 225 19.68 -17.69 -3.00
N GLN A 226 19.50 -16.80 -3.96
CA GLN A 226 18.84 -17.18 -5.23
C GLN A 226 19.76 -18.10 -6.06
N VAL A 227 21.05 -17.81 -6.10
CA VAL A 227 21.97 -18.69 -6.87
C VAL A 227 21.97 -20.07 -6.22
N VAL A 228 21.99 -20.15 -4.89
CA VAL A 228 21.98 -21.46 -4.20
C VAL A 228 20.69 -22.20 -4.47
N ASP A 229 19.56 -21.48 -4.51
CA ASP A 229 18.27 -22.17 -4.83
C ASP A 229 18.39 -22.76 -6.25
N ASP A 230 18.99 -22.06 -7.18
CA ASP A 230 19.07 -22.53 -8.58
C ASP A 230 20.00 -23.73 -8.61
N ILE A 231 21.11 -23.70 -7.88
CA ILE A 231 22.06 -24.86 -7.79
C ILE A 231 21.29 -26.08 -7.30
N LEU A 232 20.51 -25.94 -6.25
CA LEU A 232 19.78 -27.07 -5.65
C LEU A 232 18.72 -27.56 -6.63
N ASP A 233 18.10 -26.68 -7.39
CA ASP A 233 17.05 -27.09 -8.37
C ASP A 233 17.71 -27.97 -9.43
N ILE A 234 18.84 -27.58 -9.96
CA ILE A 234 19.46 -28.30 -11.11
C ILE A 234 20.09 -29.61 -10.63
N THR A 235 20.54 -29.71 -9.37
CA THR A 235 21.20 -30.95 -8.89
C THR A 235 20.13 -31.93 -8.39
N ALA A 236 18.94 -31.46 -8.03
CA ALA A 236 17.74 -32.29 -7.72
C ALA A 236 17.26 -33.00 -9.00
N THR A 237 17.23 -32.26 -10.13
CA THR A 237 16.84 -32.75 -11.49
C THR A 237 17.76 -33.90 -11.93
N GLN A 238 19.01 -33.96 -11.40
CA GLN A 238 20.03 -35.01 -11.71
C GLN A 238 19.72 -36.30 -10.93
N VAL A 249 3.35 -30.59 -19.36
CA VAL A 249 4.48 -29.82 -19.97
C VAL A 249 5.19 -29.05 -18.86
N LYS A 250 6.52 -29.11 -18.77
CA LYS A 250 7.27 -28.24 -17.82
C LYS A 250 7.72 -27.01 -18.62
N ALA A 251 7.38 -25.81 -18.16
CA ALA A 251 7.74 -24.54 -18.84
C ALA A 251 9.29 -24.40 -18.85
N GLN A 252 9.85 -23.74 -19.84
CA GLN A 252 11.31 -23.48 -19.90
C GLN A 252 11.65 -22.26 -19.04
N LYS A 253 12.65 -22.38 -18.16
CA LYS A 253 13.09 -21.29 -17.28
C LYS A 253 14.60 -21.40 -17.07
N ALA A 254 15.37 -20.48 -17.63
CA ALA A 254 16.82 -20.45 -17.49
C ALA A 254 17.16 -20.07 -16.05
N THR A 255 18.27 -20.58 -15.56
CA THR A 255 18.76 -20.36 -14.18
C THR A 255 20.24 -20.05 -14.23
N TYR A 256 20.85 -19.61 -13.13
CA TYR A 256 22.29 -19.34 -13.14
C TYR A 256 23.09 -20.56 -13.59
N PRO A 257 22.87 -21.76 -13.05
CA PRO A 257 23.65 -22.90 -13.52
C PRO A 257 23.36 -23.27 -14.98
N SER A 258 22.12 -23.12 -15.47
CA SER A 258 21.86 -23.48 -16.89
C SER A 258 22.56 -22.49 -17.80
N LEU A 259 22.73 -21.24 -17.37
CA LEU A 259 23.38 -20.19 -18.19
C LEU A 259 24.91 -20.15 -18.04
N LEU A 260 25.40 -20.47 -16.86
CA LEU A 260 26.83 -20.26 -16.50
C LEU A 260 27.55 -21.56 -16.23
N GLY A 261 26.84 -22.65 -15.98
CA GLY A 261 27.43 -23.88 -15.48
C GLY A 261 27.44 -23.93 -13.98
N LEU A 262 27.52 -25.12 -13.41
CA LEU A 262 27.48 -25.34 -11.94
C LEU A 262 28.80 -24.86 -11.33
N GLU A 263 29.95 -25.00 -11.97
CA GLU A 263 31.23 -24.55 -11.36
C GLU A 263 31.19 -23.03 -11.16
N ALA A 264 30.80 -22.26 -12.17
CA ALA A 264 30.80 -20.79 -12.11
C ALA A 264 29.70 -20.38 -11.13
N SER A 265 28.56 -21.05 -11.09
CA SER A 265 27.45 -20.68 -10.17
C SER A 265 27.88 -20.87 -8.73
N ARG A 266 28.53 -21.98 -8.42
CA ARG A 266 29.01 -22.26 -7.04
C ARG A 266 30.02 -21.20 -6.68
N ALA A 267 30.92 -20.84 -7.53
CA ALA A 267 31.96 -19.84 -7.23
C ALA A 267 31.27 -18.49 -6.98
N GLN A 268 30.27 -18.14 -7.79
CA GLN A 268 29.54 -16.86 -7.62
C GLN A 268 28.85 -16.87 -6.25
N ALA A 269 28.13 -17.93 -5.88
CA ALA A 269 27.38 -17.98 -4.61
C ALA A 269 28.39 -17.84 -3.47
N GLN A 270 29.55 -18.49 -3.55
CA GLN A 270 30.54 -18.45 -2.45
C GLN A 270 31.10 -17.05 -2.37
N SER A 271 31.39 -16.39 -3.48
CA SER A 271 31.96 -15.04 -3.51
C SER A 271 30.96 -14.06 -2.90
N LEU A 272 29.69 -14.18 -3.23
CA LEU A 272 28.65 -13.25 -2.73
C LEU A 272 28.58 -13.37 -1.21
N ILE A 273 28.62 -14.59 -0.65
CA ILE A 273 28.52 -14.76 0.82
C ILE A 273 29.82 -14.22 1.43
N ASP A 274 30.98 -14.48 0.87
CA ASP A 274 32.26 -13.98 1.41
C ASP A 274 32.20 -12.44 1.44
N GLN A 275 31.74 -11.80 0.37
CA GLN A 275 31.65 -10.33 0.24
C GLN A 275 30.65 -9.79 1.27
N ALA A 276 29.55 -10.49 1.56
CA ALA A 276 28.56 -10.01 2.54
C ALA A 276 29.24 -9.99 3.90
N ILE A 277 30.00 -11.01 4.22
CA ILE A 277 30.68 -11.13 5.52
C ILE A 277 31.68 -10.00 5.64
N VAL A 278 32.54 -9.80 4.66
CA VAL A 278 33.58 -8.74 4.66
C VAL A 278 32.88 -7.37 4.79
N ALA A 279 31.74 -7.17 4.15
CA ALA A 279 31.05 -5.88 4.19
C ALA A 279 30.80 -5.44 5.63
N LEU A 280 30.55 -6.37 6.51
CA LEU A 280 30.17 -6.00 7.90
C LEU A 280 31.35 -6.03 8.85
N GLU A 281 32.52 -6.48 8.43
CA GLU A 281 33.69 -6.54 9.32
C GLU A 281 33.97 -5.23 10.05
N PRO A 282 33.82 -4.04 9.43
CA PRO A 282 34.16 -2.78 10.09
C PRO A 282 33.25 -2.45 11.26
N PHE A 283 32.11 -3.13 11.45
CA PHE A 283 31.28 -2.89 12.63
C PHE A 283 31.95 -3.49 13.85
N GLY A 284 32.89 -4.41 13.66
CA GLY A 284 33.48 -5.15 14.76
C GLY A 284 32.65 -6.38 15.10
N PRO A 285 32.95 -7.03 16.24
CA PRO A 285 32.29 -8.29 16.64
C PRO A 285 30.78 -8.19 16.81
N SER A 286 30.23 -6.98 16.95
N SER A 286 30.22 -6.98 16.96
CA SER A 286 28.75 -6.82 17.06
CA SER A 286 28.75 -6.81 17.06
C SER A 286 28.06 -7.33 15.79
C SER A 286 28.06 -7.32 15.79
N ALA A 287 28.77 -7.37 14.66
CA ALA A 287 28.16 -7.80 13.40
C ALA A 287 28.14 -9.32 13.27
N GLU A 288 28.74 -10.05 14.22
CA GLU A 288 28.84 -11.54 14.07
C GLU A 288 27.49 -12.22 13.84
N PRO A 289 26.40 -11.90 14.55
CA PRO A 289 25.11 -12.57 14.23
C PRO A 289 24.68 -12.36 12.78
N LEU A 290 24.72 -11.13 12.26
CA LEU A 290 24.33 -10.94 10.85
C LEU A 290 25.26 -11.72 9.94
N GLN A 291 26.56 -11.70 10.19
CA GLN A 291 27.53 -12.44 9.38
C GLN A 291 27.22 -13.92 9.41
N ALA A 292 26.87 -14.47 10.56
CA ALA A 292 26.58 -15.91 10.71
C ALA A 292 25.26 -16.27 10.01
N ILE A 293 24.30 -15.36 9.92
CA ILE A 293 23.01 -15.61 9.25
C ILE A 293 23.27 -15.87 7.79
N ALA A 294 24.19 -15.15 7.18
CA ALA A 294 24.50 -15.33 5.75
C ALA A 294 24.89 -16.78 5.51
N GLU A 295 25.84 -17.31 6.28
CA GLU A 295 26.33 -18.69 6.03
C GLU A 295 25.30 -19.71 6.47
N TYR A 296 24.58 -19.45 7.54
CA TYR A 296 23.62 -20.40 8.12
C TYR A 296 22.46 -20.67 7.15
N ILE A 297 21.89 -19.62 6.57
N ILE A 297 21.90 -19.63 6.57
CA ILE A 297 20.73 -19.78 5.65
CA ILE A 297 20.74 -19.81 5.66
C ILE A 297 21.18 -20.65 4.48
C ILE A 297 21.18 -20.65 4.47
N VAL A 298 22.39 -20.42 3.98
CA VAL A 298 22.91 -21.22 2.83
C VAL A 298 23.07 -22.66 3.31
N ALA A 299 23.69 -22.89 4.47
CA ALA A 299 23.95 -24.27 4.95
C ALA A 299 22.63 -24.98 5.13
N ARG A 300 21.60 -24.31 5.64
CA ARG A 300 20.28 -24.93 5.88
C ARG A 300 19.67 -25.30 4.54
N LYS A 301 19.89 -24.50 3.49
CA LYS A 301 19.33 -24.83 2.14
C LYS A 301 19.91 -26.17 1.71
N TYR A 302 21.20 -26.40 1.86
CA TYR A 302 21.87 -27.63 1.37
C TYR A 302 21.33 -28.81 2.21
N LEU A 303 21.04 -28.62 3.50
CA LEU A 303 20.53 -29.70 4.39
C LEU A 303 19.04 -30.00 4.12
N GLU A 304 18.19 -29.01 3.84
CA GLU A 304 16.73 -29.21 3.62
C GLU A 304 16.46 -30.04 2.34
N ARG B 7 -10.75 39.19 -12.53
CA ARG B 7 -12.21 39.13 -12.24
C ARG B 7 -12.41 39.28 -10.74
N THR B 8 -13.58 39.77 -10.33
CA THR B 8 -13.86 40.03 -8.92
C THR B 8 -14.82 38.99 -8.36
N ASP B 9 -15.56 38.28 -9.21
N ASP B 9 -15.62 38.32 -9.19
CA ASP B 9 -16.63 37.34 -8.80
CA ASP B 9 -16.63 37.37 -8.67
C ASP B 9 -16.00 35.96 -8.57
C ASP B 9 -16.00 35.98 -8.54
N PHE B 10 -16.12 35.39 -7.36
CA PHE B 10 -15.69 33.98 -7.14
C PHE B 10 -16.53 33.05 -8.05
N ASP B 11 -15.84 32.25 -8.86
CA ASP B 11 -16.46 31.31 -9.82
C ASP B 11 -15.94 29.91 -9.46
N LEU B 12 -16.82 29.10 -8.88
CA LEU B 12 -16.39 27.78 -8.39
C LEU B 12 -15.89 26.94 -9.56
N ALA B 13 -16.57 26.93 -10.69
CA ALA B 13 -16.09 26.10 -11.84
C ALA B 13 -14.66 26.52 -12.21
N GLN B 14 -14.33 27.79 -12.22
CA GLN B 14 -12.96 28.25 -12.56
C GLN B 14 -11.99 27.81 -11.45
N TYR B 15 -12.40 27.94 -10.19
CA TYR B 15 -11.55 27.54 -9.05
C TYR B 15 -11.18 26.07 -9.27
N LEU B 16 -12.17 25.23 -9.55
CA LEU B 16 -11.95 23.77 -9.64
C LEU B 16 -11.08 23.49 -10.85
N GLN B 17 -11.29 24.19 -11.95
CA GLN B 17 -10.48 23.96 -13.18
C GLN B 17 -9.01 24.26 -12.89
N VAL B 18 -8.73 25.33 -12.19
CA VAL B 18 -7.34 25.74 -11.89
C VAL B 18 -6.70 24.72 -10.95
N LYS B 19 -7.41 24.31 -9.89
N LYS B 19 -7.41 24.32 -9.87
CA LYS B 19 -6.82 23.33 -8.96
CA LYS B 19 -6.84 23.32 -8.93
C LYS B 19 -6.61 21.99 -9.69
C LYS B 19 -6.63 21.99 -9.65
N LYS B 20 -7.58 21.56 -10.49
CA LYS B 20 -7.46 20.30 -11.27
C LYS B 20 -6.18 20.39 -12.12
N GLY B 21 -5.92 21.53 -12.74
CA GLY B 21 -4.72 21.61 -13.61
C GLY B 21 -3.44 21.51 -12.81
N VAL B 22 -3.38 22.10 -11.61
CA VAL B 22 -2.20 22.01 -10.72
C VAL B 22 -1.99 20.54 -10.35
N VAL B 23 -3.08 19.89 -9.96
CA VAL B 23 -2.97 18.47 -9.52
C VAL B 23 -2.51 17.63 -10.70
N GLU B 24 -3.12 17.80 -11.87
CA GLU B 24 -2.80 16.90 -13.02
C GLU B 24 -1.34 17.14 -13.44
N ALA B 25 -0.85 18.37 -13.41
CA ALA B 25 0.57 18.60 -13.78
C ALA B 25 1.48 17.89 -12.78
N ALA B 26 1.16 17.93 -11.47
CA ALA B 26 1.99 17.25 -10.44
C ALA B 26 1.90 15.74 -10.63
N LEU B 27 0.73 15.19 -10.89
CA LEU B 27 0.60 13.73 -11.11
C LEU B 27 1.45 13.29 -12.31
N ASP B 28 1.39 14.05 -13.39
CA ASP B 28 2.15 13.68 -14.61
C ASP B 28 3.64 13.70 -14.32
N SER B 29 4.14 14.75 -13.66
N SER B 29 4.12 14.74 -13.66
CA SER B 29 5.57 14.87 -13.31
CA SER B 29 5.55 14.89 -13.31
C SER B 29 5.98 13.79 -12.31
C SER B 29 5.98 13.82 -12.30
N SER B 30 5.06 13.27 -11.50
CA SER B 30 5.41 12.29 -10.43
C SER B 30 5.83 10.94 -10.99
N LEU B 31 5.48 10.61 -12.23
CA LEU B 31 5.79 9.26 -12.78
C LEU B 31 6.62 9.40 -14.04
N ALA B 32 7.93 9.32 -13.90
CA ALA B 32 8.79 9.24 -15.12
C ALA B 32 8.94 7.78 -15.50
N ILE B 33 8.82 7.45 -16.77
CA ILE B 33 8.99 6.08 -17.30
C ILE B 33 10.42 5.60 -17.02
N ALA B 34 10.56 4.39 -16.48
CA ALA B 34 11.85 3.70 -16.27
C ALA B 34 11.59 2.21 -16.41
N ARG B 35 12.61 1.34 -16.30
CA ARG B 35 12.39 -0.11 -16.45
C ARG B 35 11.74 -0.64 -15.17
N PRO B 36 10.72 -1.53 -15.21
CA PRO B 36 10.09 -2.02 -16.43
C PRO B 36 9.06 -1.00 -16.92
N GLU B 37 9.16 -0.60 -18.19
CA GLU B 37 8.35 0.51 -18.72
C GLU B 37 6.87 0.18 -18.51
N LYS B 38 6.44 -1.06 -18.68
CA LYS B 38 5.01 -1.39 -18.70
C LYS B 38 4.38 -1.00 -17.35
N ILE B 39 5.07 -1.12 -16.24
CA ILE B 39 4.38 -0.82 -14.95
C ILE B 39 4.18 0.70 -14.87
N TYR B 40 5.14 1.51 -15.31
CA TYR B 40 4.96 2.98 -15.30
C TYR B 40 3.87 3.35 -16.28
N GLU B 41 3.84 2.73 -17.45
CA GLU B 41 2.79 3.02 -18.44
C GLU B 41 1.42 2.72 -17.81
N ALA B 42 1.30 1.59 -17.14
CA ALA B 42 0.01 1.15 -16.58
C ALA B 42 -0.38 2.08 -15.42
N MET B 43 0.56 2.47 -14.58
N MET B 43 0.56 2.48 -14.58
CA MET B 43 0.20 3.40 -13.47
CA MET B 43 0.19 3.41 -13.47
C MET B 43 -0.24 4.75 -14.05
C MET B 43 -0.22 4.76 -14.04
N ARG B 44 0.49 5.28 -15.04
CA ARG B 44 0.17 6.57 -15.64
C ARG B 44 -1.16 6.47 -16.38
N TYR B 45 -1.45 5.35 -17.03
CA TYR B 45 -2.68 5.19 -17.81
C TYR B 45 -3.90 5.49 -16.93
N SER B 46 -3.93 4.93 -15.74
CA SER B 46 -5.07 5.13 -14.82
C SER B 46 -4.93 6.42 -14.02
N LEU B 47 -3.73 6.82 -13.64
CA LEU B 47 -3.58 8.02 -12.78
C LEU B 47 -3.92 9.27 -13.58
N LEU B 48 -3.51 9.30 -14.84
CA LEU B 48 -3.65 10.52 -15.67
C LEU B 48 -4.90 10.47 -16.55
N ALA B 49 -5.88 9.64 -16.24
CA ALA B 49 -7.10 9.46 -17.06
C ALA B 49 -8.04 10.67 -16.92
N GLY B 50 -7.84 11.54 -15.97
CA GLY B 50 -8.66 12.76 -15.77
C GLY B 50 -9.68 12.53 -14.66
N GLY B 51 -10.85 13.13 -14.83
CA GLY B 51 -11.89 13.08 -13.81
C GLY B 51 -11.90 14.37 -13.02
N LYS B 52 -12.75 14.38 -12.00
CA LYS B 52 -12.99 15.62 -11.24
C LYS B 52 -11.83 15.94 -10.31
N ARG B 53 -11.03 14.95 -9.93
CA ARG B 53 -9.94 15.18 -8.96
C ARG B 53 -10.50 15.77 -7.65
N LEU B 54 -11.66 15.28 -7.29
CA LEU B 54 -12.32 15.79 -6.07
C LEU B 54 -11.45 15.60 -4.85
N ARG B 55 -10.88 14.43 -4.62
CA ARG B 55 -10.16 14.18 -3.36
C ARG B 55 -8.96 15.11 -3.21
N PRO B 56 -8.08 15.25 -4.22
CA PRO B 56 -6.98 16.18 -4.09
C PRO B 56 -7.49 17.61 -3.90
N ILE B 57 -8.54 18.00 -4.64
CA ILE B 57 -9.08 19.36 -4.48
C ILE B 57 -9.59 19.55 -3.04
N LEU B 58 -10.28 18.60 -2.48
CA LEU B 58 -10.76 18.72 -1.08
C LEU B 58 -9.58 18.94 -0.15
N CYS B 59 -8.50 18.16 -0.34
CA CYS B 59 -7.30 18.26 0.50
C CYS B 59 -6.70 19.68 0.43
N ILE B 60 -6.48 20.17 -0.78
CA ILE B 60 -5.89 21.54 -0.94
C ILE B 60 -6.84 22.61 -0.34
N THR B 61 -8.13 22.45 -0.59
CA THR B 61 -9.13 23.45 -0.16
C THR B 61 -9.20 23.43 1.38
N ALA B 62 -9.22 22.27 2.04
CA ALA B 62 -9.29 22.19 3.52
C ALA B 62 -7.99 22.72 4.10
N CYS B 63 -6.84 22.47 3.47
CA CYS B 63 -5.56 23.00 3.96
C CYS B 63 -5.61 24.55 3.95
N GLU B 64 -6.09 25.09 2.86
CA GLU B 64 -6.16 26.59 2.69
C GLU B 64 -7.17 27.12 3.71
N LEU B 65 -8.27 26.42 3.94
CA LEU B 65 -9.28 26.88 4.92
C LEU B 65 -8.65 27.04 6.29
N CYS B 66 -7.77 26.10 6.64
CA CYS B 66 -7.13 26.04 7.97
C CYS B 66 -5.84 26.86 8.02
N GLY B 67 -5.51 27.65 7.01
CA GLY B 67 -4.35 28.55 7.09
C GLY B 67 -3.15 28.04 6.34
N GLY B 68 -3.25 26.87 5.75
CA GLY B 68 -2.15 26.33 4.97
C GLY B 68 -2.18 26.79 3.55
N ASP B 69 -1.32 26.26 2.72
CA ASP B 69 -1.27 26.69 1.31
C ASP B 69 -1.23 25.46 0.41
N GLU B 70 -1.40 25.71 -0.88
CA GLU B 70 -1.42 24.68 -1.92
C GLU B 70 -0.11 23.88 -1.87
N ALA B 71 1.04 24.54 -1.75
CA ALA B 71 2.33 23.81 -1.77
C ALA B 71 2.42 22.78 -0.62
N LEU B 72 1.97 23.14 0.58
CA LEU B 72 1.97 22.23 1.74
C LEU B 72 1.09 21.00 1.45
N ALA B 73 -0.07 21.22 0.84
CA ALA B 73 -1.05 20.15 0.63
C ALA B 73 -0.79 19.29 -0.60
N LEU B 74 -0.11 19.83 -1.63
CA LEU B 74 -0.13 19.22 -2.95
C LEU B 74 0.41 17.80 -2.91
N PRO B 75 1.48 17.46 -2.16
CA PRO B 75 1.94 16.07 -2.21
C PRO B 75 0.93 15.08 -1.65
N THR B 76 0.35 15.44 -0.50
CA THR B 76 -0.72 14.63 0.11
C THR B 76 -1.93 14.56 -0.82
N ALA B 77 -2.26 15.69 -1.45
CA ALA B 77 -3.36 15.67 -2.42
C ALA B 77 -3.10 14.64 -3.52
N CYS B 78 -1.88 14.65 -4.06
CA CYS B 78 -1.50 13.65 -5.10
C CYS B 78 -1.60 12.21 -4.55
N ALA B 79 -1.12 11.99 -3.33
CA ALA B 79 -1.18 10.67 -2.68
C ALA B 79 -2.64 10.19 -2.59
N LEU B 80 -3.56 11.10 -2.18
CA LEU B 80 -4.97 10.70 -2.11
C LEU B 80 -5.49 10.26 -3.49
N GLU B 81 -5.06 10.93 -4.54
CA GLU B 81 -5.50 10.55 -5.93
C GLU B 81 -4.83 9.25 -6.36
N MET B 82 -3.60 8.98 -5.92
CA MET B 82 -2.97 7.68 -6.23
C MET B 82 -3.75 6.55 -5.55
N ILE B 83 -4.14 6.78 -4.29
CA ILE B 83 -4.95 5.79 -3.55
C ILE B 83 -6.29 5.60 -4.25
N HIS B 84 -6.96 6.69 -4.61
CA HIS B 84 -8.27 6.60 -5.29
C HIS B 84 -8.08 5.79 -6.57
N THR B 85 -7.02 6.06 -7.29
CA THR B 85 -6.78 5.37 -8.58
C THR B 85 -6.54 3.88 -8.35
N MET B 86 -5.73 3.50 -7.35
N MET B 86 -5.73 3.51 -7.36
CA MET B 86 -5.51 2.08 -7.00
CA MET B 86 -5.50 2.09 -7.04
C MET B 86 -6.86 1.42 -6.79
C MET B 86 -6.85 1.42 -6.78
N SER B 87 -7.74 2.08 -6.03
CA SER B 87 -9.00 1.43 -5.64
C SER B 87 -9.84 1.18 -6.89
N LEU B 88 -9.82 2.08 -7.88
CA LEU B 88 -10.59 1.95 -9.13
C LEU B 88 -9.99 0.81 -9.94
N ILE B 89 -8.67 0.78 -10.07
CA ILE B 89 -8.03 -0.33 -10.85
C ILE B 89 -8.45 -1.66 -10.25
N HIS B 90 -8.33 -1.85 -8.93
CA HIS B 90 -8.63 -3.13 -8.27
C HIS B 90 -10.13 -3.41 -8.34
N ASP B 91 -10.98 -2.40 -8.16
CA ASP B 91 -12.45 -2.64 -8.25
C ASP B 91 -12.87 -3.08 -9.67
N ASP B 92 -12.24 -2.58 -10.73
CA ASP B 92 -12.64 -2.88 -12.13
C ASP B 92 -12.31 -4.32 -12.50
N LEU B 93 -11.46 -5.01 -11.77
CA LEU B 93 -10.89 -6.32 -12.18
C LEU B 93 -11.98 -7.37 -12.39
N PRO B 94 -11.69 -8.40 -13.24
CA PRO B 94 -12.67 -9.46 -13.50
C PRO B 94 -13.19 -10.15 -12.24
N SER B 95 -12.37 -10.27 -11.20
CA SER B 95 -12.78 -10.94 -9.94
C SER B 95 -13.71 -10.06 -9.11
N MET B 96 -13.85 -8.77 -9.45
CA MET B 96 -14.70 -7.81 -8.71
C MET B 96 -15.74 -7.20 -9.64
N ASP B 97 -15.71 -5.93 -9.98
CA ASP B 97 -16.81 -5.35 -10.81
C ASP B 97 -16.75 -5.85 -12.25
N ASN B 98 -15.59 -6.30 -12.74
CA ASN B 98 -15.39 -6.84 -14.12
C ASN B 98 -15.85 -5.82 -15.15
N ASP B 99 -15.30 -4.60 -15.09
CA ASP B 99 -15.63 -3.49 -16.01
C ASP B 99 -14.61 -3.44 -17.14
N ASP B 100 -15.09 -3.38 -18.39
CA ASP B 100 -14.24 -3.27 -19.59
C ASP B 100 -13.93 -1.80 -19.89
N PHE B 101 -14.72 -0.85 -19.38
CA PHE B 101 -14.57 0.58 -19.69
C PHE B 101 -14.70 1.40 -18.40
N ARG B 102 -14.00 2.51 -18.40
CA ARG B 102 -14.10 3.55 -17.34
C ARG B 102 -14.01 4.89 -18.04
N ARG B 103 -15.04 5.72 -17.84
CA ARG B 103 -15.25 7.01 -18.57
C ARG B 103 -15.00 6.79 -20.07
N GLY B 104 -15.65 5.75 -20.63
CA GLY B 104 -15.64 5.40 -22.07
C GLY B 104 -14.28 5.01 -22.62
N LYS B 105 -13.28 4.70 -21.78
CA LYS B 105 -11.94 4.25 -22.26
C LYS B 105 -11.68 2.87 -21.65
N PRO B 106 -10.94 1.94 -22.29
CA PRO B 106 -10.70 0.63 -21.69
C PRO B 106 -10.10 0.75 -20.27
N THR B 107 -10.55 -0.15 -19.43
CA THR B 107 -9.98 -0.28 -18.05
C THR B 107 -8.55 -0.79 -18.13
N ASN B 108 -7.83 -0.61 -17.01
CA ASN B 108 -6.40 -0.89 -16.96
C ASN B 108 -6.13 -2.35 -17.35
N HIS B 109 -6.84 -3.31 -16.80
CA HIS B 109 -6.57 -4.73 -17.05
C HIS B 109 -6.85 -5.08 -18.52
N LYS B 110 -7.74 -4.34 -19.16
CA LYS B 110 -8.02 -4.61 -20.60
C LYS B 110 -6.85 -4.14 -21.45
N VAL B 111 -6.12 -3.12 -21.04
CA VAL B 111 -4.99 -2.60 -21.83
C VAL B 111 -3.73 -3.41 -21.49
N TYR B 112 -3.44 -3.61 -20.21
CA TYR B 112 -2.13 -4.10 -19.73
C TYR B 112 -2.16 -5.53 -19.19
N GLY B 113 -3.32 -6.16 -19.06
CA GLY B 113 -3.52 -7.47 -18.46
C GLY B 113 -3.80 -7.40 -16.98
N GLU B 114 -4.48 -8.39 -16.46
CA GLU B 114 -4.92 -8.39 -15.05
C GLU B 114 -3.70 -8.36 -14.12
N ASP B 115 -2.65 -9.11 -14.45
CA ASP B 115 -1.44 -9.17 -13.62
C ASP B 115 -0.88 -7.77 -13.44
N ILE B 116 -0.64 -7.04 -14.54
CA ILE B 116 0.00 -5.71 -14.49
C ILE B 116 -0.98 -4.74 -13.80
N ALA B 117 -2.28 -4.87 -14.04
CA ALA B 117 -3.25 -3.95 -13.38
C ALA B 117 -3.15 -4.11 -11.86
N ILE B 118 -3.13 -5.35 -11.39
CA ILE B 118 -3.06 -5.61 -9.93
C ILE B 118 -1.81 -4.93 -9.43
N LEU B 119 -0.67 -5.15 -10.07
CA LEU B 119 0.62 -4.61 -9.61
C LEU B 119 0.71 -3.09 -9.76
N ALA B 120 0.07 -2.50 -10.75
CA ALA B 120 0.01 -1.05 -10.92
C ALA B 120 -0.73 -0.44 -9.74
N GLY B 121 -1.79 -1.11 -9.28
CA GLY B 121 -2.53 -0.62 -8.11
C GLY B 121 -1.63 -0.66 -6.88
N ASP B 122 -0.92 -1.75 -6.70
CA ASP B 122 0.01 -1.89 -5.57
C ASP B 122 1.11 -0.81 -5.62
N GLY B 123 1.63 -0.56 -6.81
CA GLY B 123 2.67 0.44 -7.02
C GLY B 123 2.19 1.85 -6.75
N LEU B 124 0.94 2.17 -7.09
CA LEU B 124 0.40 3.50 -6.76
C LEU B 124 0.18 3.66 -5.25
N LEU B 125 -0.29 2.62 -4.59
CA LEU B 125 -0.49 2.72 -3.13
C LEU B 125 0.87 2.94 -2.46
N ALA B 126 1.88 2.15 -2.83
CA ALA B 126 3.23 2.34 -2.26
C ALA B 126 3.75 3.75 -2.53
N TYR B 127 3.54 4.26 -3.75
CA TYR B 127 4.10 5.55 -4.13
C TYR B 127 3.39 6.68 -3.39
N ALA B 128 2.13 6.50 -3.04
CA ALA B 128 1.38 7.50 -2.25
C ALA B 128 2.18 7.86 -0.97
N PHE B 129 2.66 6.81 -0.28
CA PHE B 129 3.36 7.02 1.00
C PHE B 129 4.72 7.66 0.75
N GLU B 130 5.46 7.17 -0.24
CA GLU B 130 6.78 7.72 -0.55
C GLU B 130 6.62 9.19 -0.91
N TYR B 131 5.68 9.51 -1.76
CA TYR B 131 5.52 10.88 -2.29
C TYR B 131 5.24 11.89 -1.16
N VAL B 132 4.33 11.55 -0.27
CA VAL B 132 3.97 12.42 0.87
C VAL B 132 5.24 12.79 1.62
N VAL B 133 6.09 11.81 1.92
CA VAL B 133 7.28 12.12 2.76
C VAL B 133 8.31 12.90 1.95
N THR B 134 8.64 12.44 0.78
CA THR B 134 9.79 13.04 0.06
C THR B 134 9.47 14.45 -0.44
N HIS B 135 8.20 14.79 -0.66
CA HIS B 135 7.83 16.09 -1.25
C HIS B 135 7.25 17.08 -0.23
N THR B 136 7.23 16.79 1.07
CA THR B 136 6.67 17.74 2.05
C THR B 136 7.67 18.00 3.16
N PRO B 137 8.87 18.54 2.84
CA PRO B 137 9.85 18.80 3.89
C PRO B 137 9.44 19.96 4.83
N GLN B 138 8.54 20.83 4.41
CA GLN B 138 8.13 21.99 5.22
C GLN B 138 7.04 21.59 6.22
N ALA B 139 6.46 20.39 6.15
CA ALA B 139 5.46 20.03 7.16
C ALA B 139 6.13 19.81 8.52
N ASP B 140 5.37 20.03 9.60
CA ASP B 140 5.84 19.56 10.92
C ASP B 140 5.99 18.03 10.86
N PRO B 141 7.12 17.43 11.28
CA PRO B 141 7.30 15.98 11.15
C PRO B 141 6.22 15.15 11.87
N GLN B 142 5.77 15.56 13.05
CA GLN B 142 4.72 14.78 13.75
C GLN B 142 3.40 14.90 12.99
N ALA B 143 3.05 16.04 12.43
CA ALA B 143 1.85 16.20 11.59
C ALA B 143 1.96 15.29 10.37
N LEU B 144 3.11 15.23 9.71
CA LEU B 144 3.26 14.39 8.51
C LEU B 144 3.09 12.92 8.92
N LEU B 145 3.62 12.49 10.07
CA LEU B 145 3.43 11.10 10.49
C LEU B 145 1.94 10.87 10.75
N GLN B 146 1.22 11.84 11.32
N GLN B 146 1.21 11.85 11.24
CA GLN B 146 -0.25 11.73 11.53
CA GLN B 146 -0.23 11.62 11.49
C GLN B 146 -0.91 11.51 10.15
C GLN B 146 -0.93 11.51 10.12
N VAL B 147 -0.48 12.24 9.10
CA VAL B 147 -1.05 12.08 7.74
C VAL B 147 -0.79 10.65 7.27
N ILE B 148 0.43 10.13 7.46
CA ILE B 148 0.73 8.75 7.03
C ILE B 148 -0.19 7.77 7.76
N ALA B 149 -0.31 7.88 9.07
CA ALA B 149 -1.16 6.94 9.86
C ALA B 149 -2.58 7.03 9.34
N ARG B 150 -3.09 8.22 9.11
CA ARG B 150 -4.47 8.41 8.61
C ARG B 150 -4.61 7.78 7.24
N LEU B 151 -3.64 7.94 6.35
CA LEU B 151 -3.72 7.32 5.01
C LEU B 151 -3.74 5.80 5.16
N GLY B 152 -2.88 5.24 5.98
CA GLY B 152 -2.86 3.78 6.11
C GLY B 152 -4.18 3.27 6.67
N ARG B 153 -4.74 3.95 7.67
CA ARG B 153 -6.01 3.51 8.31
C ARG B 153 -7.13 3.66 7.27
N THR B 154 -7.10 4.71 6.48
CA THR B 154 -8.14 5.02 5.49
C THR B 154 -8.20 3.96 4.41
N VAL B 155 -7.05 3.43 4.00
CA VAL B 155 -7.01 2.49 2.87
C VAL B 155 -7.42 1.09 3.30
N GLY B 156 -7.09 0.71 4.53
CA GLY B 156 -7.08 -0.70 4.91
C GLY B 156 -8.41 -1.24 5.39
N ALA B 157 -8.29 -2.30 6.17
CA ALA B 157 -9.46 -3.09 6.59
C ALA B 157 -10.47 -2.26 7.35
N ALA B 158 -10.08 -1.16 7.99
CA ALA B 158 -11.03 -0.33 8.72
C ALA B 158 -11.58 0.78 7.84
N GLY B 159 -11.19 0.89 6.56
CA GLY B 159 -11.60 1.93 5.64
C GLY B 159 -11.95 1.32 4.30
N LEU B 160 -11.31 1.80 3.25
N LEU B 160 -11.29 1.78 3.23
CA LEU B 160 -11.64 1.51 1.85
CA LEU B 160 -11.64 1.50 1.81
C LEU B 160 -11.69 -0.01 1.58
C LEU B 160 -11.68 -0.01 1.55
N VAL B 161 -10.65 -0.77 1.94
CA VAL B 161 -10.62 -2.22 1.63
C VAL B 161 -11.74 -2.89 2.41
N GLY B 162 -11.95 -2.53 3.67
CA GLY B 162 -13.05 -3.08 4.48
C GLY B 162 -14.39 -2.79 3.80
N GLY B 163 -14.54 -1.57 3.30
CA GLY B 163 -15.73 -1.18 2.53
C GLY B 163 -15.95 -2.05 1.32
N GLN B 164 -14.90 -2.37 0.58
CA GLN B 164 -15.00 -3.22 -0.64
C GLN B 164 -15.50 -4.59 -0.18
N VAL B 165 -15.00 -5.14 0.91
CA VAL B 165 -15.41 -6.47 1.44
C VAL B 165 -16.88 -6.39 1.92
N LEU B 166 -17.26 -5.35 2.63
CA LEU B 166 -18.67 -5.24 3.13
C LEU B 166 -19.57 -5.12 1.89
N ASP B 167 -19.16 -4.43 0.84
CA ASP B 167 -19.98 -4.27 -0.39
C ASP B 167 -20.16 -5.64 -1.05
N LEU B 168 -19.10 -6.41 -1.23
CA LEU B 168 -19.19 -7.78 -1.82
C LEU B 168 -20.13 -8.65 -0.97
N GLU B 169 -20.04 -8.58 0.34
CA GLU B 169 -20.83 -9.42 1.28
C GLU B 169 -22.32 -9.07 1.20
N SER B 170 -22.65 -7.88 0.80
CA SER B 170 -24.06 -7.39 0.77
C SER B 170 -24.79 -8.01 -0.42
N GLU B 171 -24.09 -8.47 -1.45
CA GLU B 171 -24.70 -8.91 -2.73
C GLU B 171 -25.71 -10.03 -2.48
N GLY B 172 -26.94 -9.85 -2.95
CA GLY B 172 -27.95 -10.93 -2.97
C GLY B 172 -28.40 -11.33 -1.57
N ARG B 173 -28.35 -10.38 -0.64
CA ARG B 173 -28.86 -10.56 0.74
C ARG B 173 -30.25 -9.89 0.80
N THR B 174 -31.09 -10.39 1.71
CA THR B 174 -32.48 -9.90 1.88
C THR B 174 -32.59 -9.12 3.18
N ASP B 175 -31.51 -8.90 3.92
CA ASP B 175 -31.62 -8.26 5.25
C ASP B 175 -30.85 -6.94 5.24
N ILE B 176 -30.53 -6.40 4.08
CA ILE B 176 -29.83 -5.09 4.04
C ILE B 176 -30.81 -4.01 4.47
N THR B 177 -30.40 -3.13 5.37
CA THR B 177 -31.16 -1.99 5.90
C THR B 177 -30.47 -0.70 5.50
N PRO B 178 -31.14 0.45 5.55
CA PRO B 178 -30.45 1.71 5.27
C PRO B 178 -29.21 1.83 6.16
N GLU B 179 -29.26 1.41 7.41
CA GLU B 179 -28.10 1.48 8.32
C GLU B 179 -26.95 0.64 7.78
N THR B 180 -27.21 -0.56 7.27
N THR B 180 -27.24 -0.57 7.28
CA THR B 180 -26.10 -1.42 6.77
CA THR B 180 -26.20 -1.48 6.73
C THR B 180 -25.59 -0.90 5.43
C THR B 180 -25.59 -0.88 5.45
N LEU B 181 -26.42 -0.29 4.60
CA LEU B 181 -25.93 0.34 3.37
C LEU B 181 -25.04 1.50 3.78
N THR B 182 -25.44 2.31 4.73
CA THR B 182 -24.66 3.47 5.17
C THR B 182 -23.31 2.99 5.69
N PHE B 183 -23.27 1.90 6.42
CA PHE B 183 -22.01 1.36 6.99
C PHE B 183 -21.09 0.99 5.83
N ILE B 184 -21.59 0.38 4.78
CA ILE B 184 -20.78 0.05 3.58
C ILE B 184 -20.19 1.35 3.04
N HIS B 185 -21.02 2.34 2.80
CA HIS B 185 -20.57 3.58 2.15
C HIS B 185 -19.62 4.33 3.03
N THR B 186 -19.81 4.42 4.33
N THR B 186 -19.85 4.40 4.34
CA THR B 186 -18.89 5.19 5.19
CA THR B 186 -18.95 5.09 5.31
C THR B 186 -17.50 4.58 5.09
C THR B 186 -17.52 4.57 5.10
N HIS B 187 -17.38 3.26 4.91
CA HIS B 187 -16.06 2.61 4.72
C HIS B 187 -15.59 2.80 3.28
N LYS B 188 -16.41 2.46 2.31
N LYS B 188 -16.41 2.49 2.28
CA LYS B 188 -15.95 2.35 0.91
CA LYS B 188 -15.94 2.36 0.88
C LYS B 188 -15.57 3.73 0.35
C LYS B 188 -15.63 3.72 0.26
N THR B 189 -16.36 4.78 0.61
CA THR B 189 -16.05 6.14 0.09
C THR B 189 -15.87 7.12 1.21
N GLY B 190 -16.60 7.05 2.33
CA GLY B 190 -16.54 8.14 3.31
C GLY B 190 -15.17 8.24 3.90
N ALA B 191 -14.53 7.12 4.20
CA ALA B 191 -13.21 7.16 4.88
C ALA B 191 -12.24 8.00 4.04
N LEU B 192 -12.19 7.75 2.74
CA LEU B 192 -11.21 8.49 1.88
C LEU B 192 -11.63 9.95 1.67
N LEU B 193 -12.91 10.25 1.60
CA LEU B 193 -13.33 11.67 1.52
C LEU B 193 -12.99 12.37 2.83
N GLU B 194 -13.24 11.75 3.99
CA GLU B 194 -12.85 12.33 5.28
C GLU B 194 -11.33 12.50 5.34
N ALA B 195 -10.55 11.49 4.89
CA ALA B 195 -9.10 11.64 4.93
C ALA B 195 -8.66 12.79 4.05
N SER B 196 -9.37 13.06 2.96
CA SER B 196 -8.96 14.13 2.04
C SER B 196 -9.02 15.47 2.78
N VAL B 197 -10.12 15.76 3.47
CA VAL B 197 -10.23 17.07 4.16
C VAL B 197 -9.38 17.06 5.43
N LEU B 198 -9.30 15.94 6.14
N LEU B 198 -9.31 15.94 6.14
CA LEU B 198 -8.60 15.94 7.45
CA LEU B 198 -8.60 15.94 7.45
C LEU B 198 -7.10 15.97 7.24
C LEU B 198 -7.09 15.98 7.23
N THR B 199 -6.55 15.32 6.20
CA THR B 199 -5.08 15.43 5.98
C THR B 199 -4.72 16.87 5.66
N GLY B 200 -5.47 17.59 4.84
CA GLY B 200 -5.17 19.01 4.57
C GLY B 200 -5.27 19.81 5.85
N ALA B 201 -6.25 19.53 6.71
CA ALA B 201 -6.42 20.21 7.99
C ALA B 201 -5.26 19.93 8.93
N ILE B 202 -4.85 18.70 9.04
CA ILE B 202 -3.76 18.26 9.95
C ILE B 202 -2.49 18.97 9.49
N LEU B 203 -2.18 18.96 8.19
CA LEU B 203 -0.93 19.63 7.71
C LEU B 203 -0.93 21.09 8.11
N ALA B 204 -2.08 21.74 8.11
CA ALA B 204 -2.19 23.18 8.41
C ALA B 204 -2.27 23.40 9.92
N GLY B 205 -2.26 22.38 10.75
CA GLY B 205 -2.37 22.51 12.23
C GLY B 205 -3.75 22.85 12.74
N ALA B 206 -4.80 22.42 12.07
CA ALA B 206 -6.18 22.62 12.53
C ALA B 206 -6.40 22.01 13.91
N THR B 207 -7.26 22.64 14.70
CA THR B 207 -7.63 22.11 16.00
C THR B 207 -8.50 20.87 15.88
N GLY B 208 -8.58 20.11 16.94
CA GLY B 208 -9.49 18.95 17.03
C GLY B 208 -10.91 19.37 16.75
N GLU B 209 -11.34 20.53 17.26
CA GLU B 209 -12.73 21.00 17.08
C GLU B 209 -12.96 21.26 15.57
N GLN B 210 -12.00 21.91 14.92
CA GLN B 210 -12.10 22.20 13.48
C GLN B 210 -12.12 20.89 12.69
N GLN B 211 -11.27 19.94 13.08
CA GLN B 211 -11.23 18.65 12.35
C GLN B 211 -12.58 17.95 12.46
N GLN B 212 -13.23 17.99 13.62
N GLN B 212 -13.22 17.97 13.63
CA GLN B 212 -14.52 17.29 13.80
CA GLN B 212 -14.53 17.30 13.84
C GLN B 212 -15.56 17.89 12.85
C GLN B 212 -15.55 17.90 12.85
N ARG B 213 -15.54 19.21 12.63
CA ARG B 213 -16.52 19.84 11.72
C ARG B 213 -16.24 19.37 10.28
N LEU B 214 -14.97 19.36 9.91
CA LEU B 214 -14.57 18.89 8.57
C LEU B 214 -14.96 17.43 8.37
N ALA B 215 -14.79 16.59 9.38
CA ALA B 215 -15.19 15.17 9.26
C ALA B 215 -16.69 15.02 9.06
N ARG B 216 -17.48 15.81 9.77
N ARG B 216 -17.49 15.81 9.78
CA ARG B 216 -18.95 15.76 9.59
CA ARG B 216 -18.97 15.79 9.61
C ARG B 216 -19.31 16.21 8.17
C ARG B 216 -19.31 16.20 8.18
N TYR B 217 -18.68 17.28 7.69
CA TYR B 217 -18.89 17.73 6.30
C TYR B 217 -18.58 16.58 5.35
N ALA B 218 -17.45 15.90 5.51
CA ALA B 218 -17.02 14.88 4.54
C ALA B 218 -17.94 13.68 4.58
N GLN B 219 -18.34 13.26 5.77
CA GLN B 219 -19.22 12.06 5.90
C GLN B 219 -20.57 12.39 5.25
N ASN B 220 -21.08 13.60 5.48
N ASN B 220 -21.08 13.61 5.45
CA ASN B 220 -22.38 14.04 4.91
CA ASN B 220 -22.39 14.03 4.89
C ASN B 220 -22.31 14.11 3.39
C ASN B 220 -22.32 14.12 3.37
N ILE B 221 -21.29 14.76 2.81
CA ILE B 221 -21.25 14.84 1.32
C ILE B 221 -21.08 13.44 0.74
N GLY B 222 -20.26 12.61 1.37
CA GLY B 222 -20.01 11.28 0.80
C GLY B 222 -21.29 10.52 0.70
N LEU B 223 -22.07 10.54 1.76
N LEU B 223 -22.10 10.57 1.76
CA LEU B 223 -23.32 9.76 1.76
CA LEU B 223 -23.35 9.78 1.78
C LEU B 223 -24.30 10.42 0.79
C LEU B 223 -24.32 10.42 0.80
N ALA B 224 -24.39 11.74 0.76
CA ALA B 224 -25.30 12.43 -0.19
C ALA B 224 -24.98 11.97 -1.63
N PHE B 225 -23.70 11.93 -1.99
CA PHE B 225 -23.28 11.53 -3.34
C PHE B 225 -23.79 10.13 -3.64
N GLN B 226 -23.69 9.22 -2.68
N GLN B 226 -23.71 9.24 -2.67
CA GLN B 226 -24.15 7.82 -2.89
CA GLN B 226 -24.15 7.86 -2.93
C GLN B 226 -25.67 7.76 -2.99
C GLN B 226 -25.67 7.80 -3.04
N VAL B 227 -26.39 8.53 -2.20
CA VAL B 227 -27.88 8.51 -2.31
C VAL B 227 -28.28 9.06 -3.68
N VAL B 228 -27.63 10.11 -4.14
CA VAL B 228 -27.98 10.72 -5.44
C VAL B 228 -27.61 9.74 -6.54
N ASP B 229 -26.50 9.04 -6.43
CA ASP B 229 -26.16 8.03 -7.46
C ASP B 229 -27.31 6.99 -7.53
N ASP B 230 -27.81 6.58 -6.39
CA ASP B 230 -28.88 5.53 -6.35
C ASP B 230 -30.15 6.08 -6.96
N ILE B 231 -30.50 7.31 -6.67
CA ILE B 231 -31.70 7.98 -7.23
C ILE B 231 -31.57 8.00 -8.74
N LEU B 232 -30.43 8.38 -9.27
CA LEU B 232 -30.29 8.52 -10.73
C LEU B 232 -30.31 7.13 -11.35
N ASP B 233 -29.77 6.11 -10.70
CA ASP B 233 -29.71 4.74 -11.25
C ASP B 233 -31.16 4.24 -11.39
N ILE B 234 -32.00 4.45 -10.38
CA ILE B 234 -33.34 3.83 -10.39
C ILE B 234 -34.28 4.62 -11.29
N THR B 235 -34.02 5.89 -11.54
CA THR B 235 -34.93 6.72 -12.36
C THR B 235 -34.54 6.55 -13.83
N ALA B 236 -33.31 6.09 -14.13
CA ALA B 236 -32.90 5.65 -15.51
C ALA B 236 -33.77 4.45 -15.95
N ALA B 251 -26.60 -9.21 -10.66
CA ALA B 251 -26.08 -9.19 -9.26
C ALA B 251 -26.95 -8.25 -8.42
N GLN B 252 -27.76 -8.79 -7.52
CA GLN B 252 -28.85 -8.03 -6.86
C GLN B 252 -28.27 -7.27 -5.65
N LYS B 253 -28.55 -5.96 -5.57
CA LYS B 253 -28.11 -5.13 -4.44
C LYS B 253 -29.21 -4.14 -4.09
N ALA B 254 -29.55 -4.07 -2.82
CA ALA B 254 -30.45 -3.01 -2.32
C ALA B 254 -29.78 -1.65 -2.49
N THR B 255 -30.59 -0.63 -2.67
CA THR B 255 -30.18 0.77 -2.80
C THR B 255 -31.06 1.64 -1.90
N TYR B 256 -30.72 2.89 -1.70
CA TYR B 256 -31.54 3.74 -0.82
C TYR B 256 -32.97 3.79 -1.36
N PRO B 257 -33.23 4.05 -2.65
CA PRO B 257 -34.62 4.10 -3.11
C PRO B 257 -35.32 2.73 -3.01
N SER B 258 -34.59 1.62 -3.22
CA SER B 258 -35.28 0.31 -3.13
C SER B 258 -35.66 0.01 -1.68
N LEU B 259 -34.92 0.54 -0.72
CA LEU B 259 -35.23 0.33 0.71
C LEU B 259 -36.17 1.37 1.29
N LEU B 260 -36.07 2.62 0.86
CA LEU B 260 -36.81 3.76 1.51
C LEU B 260 -37.90 4.33 0.62
N GLY B 261 -37.89 4.05 -0.66
CA GLY B 261 -38.69 4.74 -1.67
C GLY B 261 -37.99 6.01 -2.14
N LEU B 262 -38.38 6.53 -3.29
CA LEU B 262 -37.72 7.73 -3.90
C LEU B 262 -38.03 8.97 -3.09
N GLU B 263 -39.22 9.18 -2.56
CA GLU B 263 -39.55 10.43 -1.82
C GLU B 263 -38.56 10.54 -0.65
N ALA B 264 -38.44 9.53 0.19
CA ALA B 264 -37.58 9.58 1.40
C ALA B 264 -36.12 9.66 0.94
N SER B 265 -35.70 8.99 -0.11
CA SER B 265 -34.28 9.08 -0.57
C SER B 265 -33.96 10.52 -1.00
N ARG B 266 -34.82 11.18 -1.74
CA ARG B 266 -34.58 12.56 -2.19
C ARG B 266 -34.53 13.47 -0.96
N ALA B 267 -35.40 13.28 0.00
CA ALA B 267 -35.38 14.11 1.23
C ALA B 267 -34.07 13.90 1.97
N GLN B 268 -33.61 12.65 2.09
N GLN B 268 -33.60 12.66 2.09
CA GLN B 268 -32.35 12.31 2.78
CA GLN B 268 -32.33 12.38 2.80
C GLN B 268 -31.19 12.99 2.06
C GLN B 268 -31.17 13.03 2.05
N ALA B 269 -31.12 12.92 0.73
CA ALA B 269 -30.00 13.50 -0.05
C ALA B 269 -29.97 15.01 0.22
N GLN B 270 -31.11 15.68 0.23
CA GLN B 270 -31.13 17.13 0.47
C GLN B 270 -30.69 17.44 1.89
N SER B 271 -31.13 16.68 2.87
N SER B 271 -31.13 16.69 2.88
CA SER B 271 -30.79 16.86 4.31
CA SER B 271 -30.79 16.90 4.32
C SER B 271 -29.28 16.71 4.49
C SER B 271 -29.29 16.69 4.53
N LEU B 272 -28.68 15.69 3.89
CA LEU B 272 -27.23 15.45 4.04
C LEU B 272 -26.44 16.63 3.48
N ILE B 273 -26.83 17.20 2.35
CA ILE B 273 -26.14 18.35 1.74
C ILE B 273 -26.34 19.56 2.65
N ASP B 274 -27.53 19.79 3.15
CA ASP B 274 -27.78 20.94 4.04
C ASP B 274 -26.91 20.80 5.28
N GLN B 275 -26.79 19.62 5.87
CA GLN B 275 -26.03 19.34 7.10
C GLN B 275 -24.53 19.58 6.81
N ALA B 276 -24.06 19.19 5.65
CA ALA B 276 -22.64 19.42 5.28
C ALA B 276 -22.36 20.92 5.28
N ILE B 277 -23.24 21.71 4.69
CA ILE B 277 -23.08 23.18 4.58
C ILE B 277 -23.07 23.77 5.99
N VAL B 278 -24.02 23.41 6.83
CA VAL B 278 -24.12 23.95 8.19
C VAL B 278 -22.87 23.59 8.99
N ALA B 279 -22.32 22.40 8.81
CA ALA B 279 -21.17 21.92 9.57
C ALA B 279 -20.03 22.92 9.44
N LEU B 280 -19.88 23.53 8.28
CA LEU B 280 -18.72 24.43 8.05
C LEU B 280 -19.04 25.90 8.33
N GLU B 281 -20.26 26.27 8.61
CA GLU B 281 -20.59 27.71 8.88
C GLU B 281 -19.67 28.32 9.93
N PRO B 282 -19.28 27.64 11.01
CA PRO B 282 -18.50 28.30 12.06
C PRO B 282 -17.10 28.67 11.62
N PHE B 283 -16.59 28.21 10.47
CA PHE B 283 -15.30 28.71 9.99
C PHE B 283 -15.45 30.13 9.45
N GLY B 284 -16.65 30.62 9.19
CA GLY B 284 -16.82 31.90 8.50
C GLY B 284 -16.83 31.76 6.99
N PRO B 285 -16.73 32.90 6.29
CA PRO B 285 -16.79 32.92 4.83
C PRO B 285 -15.65 32.16 4.14
N SER B 286 -14.56 31.88 4.85
CA SER B 286 -13.43 31.10 4.27
C SER B 286 -13.93 29.70 3.87
N ALA B 287 -15.01 29.21 4.43
CA ALA B 287 -15.50 27.86 4.13
C ALA B 287 -16.34 27.85 2.86
N GLU B 288 -16.61 29.01 2.24
CA GLU B 288 -17.58 29.03 1.12
C GLU B 288 -17.17 28.12 -0.04
N PRO B 289 -15.90 28.01 -0.47
CA PRO B 289 -15.58 27.05 -1.54
C PRO B 289 -15.96 25.61 -1.15
N LEU B 290 -15.58 25.13 0.04
CA LEU B 290 -15.95 23.75 0.41
C LEU B 290 -17.46 23.60 0.43
N GLN B 291 -18.18 24.59 0.95
CA GLN B 291 -19.64 24.52 1.05
C GLN B 291 -20.22 24.43 -0.35
N ALA B 292 -19.68 25.16 -1.31
CA ALA B 292 -20.22 25.20 -2.69
C ALA B 292 -19.91 23.88 -3.40
N ILE B 293 -18.82 23.24 -3.07
CA ILE B 293 -18.42 21.96 -3.73
C ILE B 293 -19.52 20.95 -3.45
N ALA B 294 -20.06 20.92 -2.25
CA ALA B 294 -21.12 19.98 -1.88
C ALA B 294 -22.25 20.07 -2.92
N GLU B 295 -22.81 21.25 -3.13
CA GLU B 295 -23.96 21.42 -4.03
C GLU B 295 -23.53 21.24 -5.50
N TYR B 296 -22.33 21.65 -5.87
CA TYR B 296 -21.88 21.58 -7.28
C TYR B 296 -21.78 20.11 -7.76
N ILE B 297 -21.16 19.26 -6.94
CA ILE B 297 -20.99 17.83 -7.36
C ILE B 297 -22.37 17.20 -7.56
N VAL B 298 -23.32 17.52 -6.68
CA VAL B 298 -24.69 16.95 -6.82
C VAL B 298 -25.32 17.50 -8.10
N ALA B 299 -25.23 18.80 -8.33
CA ALA B 299 -25.86 19.42 -9.53
C ALA B 299 -25.26 18.82 -10.78
N ARG B 300 -23.95 18.60 -10.81
CA ARG B 300 -23.29 18.00 -11.99
C ARG B 300 -23.78 16.56 -12.18
N LYS B 301 -24.06 15.81 -11.11
CA LYS B 301 -24.58 14.42 -11.29
C LYS B 301 -25.92 14.49 -12.01
N TYR B 302 -26.79 15.42 -11.68
CA TYR B 302 -28.14 15.52 -12.31
C TYR B 302 -27.96 15.91 -13.79
N LEU B 303 -26.98 16.75 -14.12
CA LEU B 303 -26.73 17.20 -15.52
C LEU B 303 -26.04 16.11 -16.34
N GLU B 304 -25.13 15.32 -15.78
CA GLU B 304 -24.47 14.17 -16.46
C GLU B 304 -25.44 12.98 -16.38
MG MG C . 34.43 -9.64 12.73
CL CL D . 31.35 1.47 12.64
MG MG E . -20.99 31.05 5.70
MG MG F . -25.22 2.74 -4.95
CL CL G . -41.76 7.47 -4.35
#